data_1GRF
#
_entry.id   1GRF
#
_cell.length_a   119.800
_cell.length_b   84.500
_cell.length_c   63.200
_cell.angle_alpha   90.00
_cell.angle_beta   90.00
_cell.angle_gamma   58.70
#
_symmetry.space_group_name_H-M   'B 1 1 2'
#
loop_
_entity.id
_entity.type
_entity.pdbx_description
1 polymer 'GLUTATHIONE REDUCTASE'
2 non-polymer 'PHOSPHATE ION'
3 non-polymer 'FLAVIN-ADENINE DINUCLEOTIDE'
4 non-polymer ACETAMIDE
5 water water
#
_entity_poly.entity_id   1
_entity_poly.type   'polypeptide(L)'
_entity_poly.pdbx_seq_one_letter_code
;ACRQEPQPQGPPPAAGAVASYDYLVIGGGSGGLASARRAAELGARAAVVESHKLGGTCVNVGCVPKKVMWNTAVHSEFMH
DHADYGFPSCEGKFNWRVIKEKRDAYVSRLNAIYQNNLTKSHIEIIRGHAAFTSDPKPTIEVSGKKYTAPHILIATGGMP
STPHESQIPGASLGITSDGFFQLEELPGRSVIVGAGYIAVEMAGILSALGSKTSLMIRHDKVLRSFDSMISTNCTEELEN
AGVEVLKFSQVKEVKKTLSGLEVSMVTAVPGRLPVMTMIPDVDCLLWAIGRVPNTKDLSLNKLGIQTDDKGHIIVDEFQN
TNVKGIYAVGDVCGKALLTPVAIAAGRKLAHRLFEYKEDSKLDYNNIPTVVFSHPPIGTVGLTEDEAIHKYGIENVKTYS
TSFTPMYHAVTKRKTKCVMKMVCANKEEKVVGIHMQGLGCDEMLQGFAVAVKMGATKADFDNTVAIHPTSSEELVTLR
;
_entity_poly.pdbx_strand_id   A
#
# COMPACT_ATOMS: atom_id res chain seq x y z
N VAL A 18 2.81 -19.51 33.59
CA VAL A 18 2.11 -18.53 32.77
C VAL A 18 2.52 -17.11 33.17
N ALA A 19 3.35 -16.48 32.32
CA ALA A 19 3.79 -15.15 32.59
C ALA A 19 2.69 -14.17 32.24
N SER A 20 2.42 -13.31 33.18
CA SER A 20 1.36 -12.37 32.96
C SER A 20 1.89 -10.97 32.66
N TYR A 21 1.20 -10.29 31.71
CA TYR A 21 1.56 -8.93 31.33
C TYR A 21 0.28 -8.10 31.34
N ASP A 22 0.40 -6.78 31.13
CA ASP A 22 -0.75 -5.91 31.01
C ASP A 22 -1.25 -5.96 29.57
N TYR A 23 -0.30 -6.16 28.67
CA TYR A 23 -0.61 -6.11 27.26
C TYR A 23 0.34 -7.03 26.50
N LEU A 24 -0.26 -7.91 25.74
CA LEU A 24 0.47 -8.81 24.88
C LEU A 24 0.09 -8.46 23.45
N VAL A 25 1.11 -8.21 22.62
CA VAL A 25 0.90 -7.84 21.22
C VAL A 25 1.50 -8.96 20.35
N ILE A 26 0.66 -9.58 19.52
CA ILE A 26 1.12 -10.63 18.58
C ILE A 26 1.39 -9.97 17.21
N GLY A 27 2.65 -9.83 16.87
CA GLY A 27 3.07 -9.25 15.61
C GLY A 27 3.88 -8.01 15.90
N GLY A 28 5.12 -8.02 15.42
CA GLY A 28 5.98 -6.88 15.65
C GLY A 28 6.14 -6.01 14.41
N GLY A 29 5.01 -5.70 13.76
CA GLY A 29 5.03 -4.82 12.63
C GLY A 29 4.57 -3.42 13.05
N SER A 30 4.15 -2.59 12.11
CA SER A 30 3.77 -1.22 12.41
C SER A 30 2.69 -1.09 13.46
N GLY A 31 1.56 -1.81 13.27
CA GLY A 31 0.46 -1.65 14.20
C GLY A 31 0.82 -2.12 15.61
N GLY A 32 1.45 -3.31 15.68
CA GLY A 32 1.86 -3.98 16.90
C GLY A 32 2.84 -3.14 17.69
N LEU A 33 3.92 -2.72 17.04
CA LEU A 33 4.90 -1.87 17.66
C LEU A 33 4.29 -0.55 18.15
N ALA A 34 3.56 0.18 17.27
CA ALA A 34 2.99 1.46 17.67
C ALA A 34 2.13 1.33 18.93
N SER A 35 1.33 0.26 18.95
CA SER A 35 0.40 0.07 20.06
C SER A 35 1.19 -0.26 21.33
N ALA A 36 2.19 -1.16 21.23
CA ALA A 36 3.00 -1.58 22.38
C ALA A 36 3.76 -0.41 23.00
N ARG A 37 4.35 0.43 22.14
CA ARG A 37 5.11 1.60 22.55
C ARG A 37 4.23 2.62 23.27
N ARG A 38 3.02 2.89 22.78
CA ARG A 38 2.19 3.89 23.40
C ARG A 38 1.69 3.32 24.72
N ALA A 39 1.36 2.03 24.73
CA ALA A 39 0.90 1.43 25.95
C ALA A 39 2.00 1.52 27.04
N ALA A 40 3.25 1.16 26.69
CA ALA A 40 4.38 1.27 27.61
C ALA A 40 4.50 2.69 28.17
N GLU A 41 4.35 3.74 27.35
CA GLU A 41 4.39 5.11 27.84
C GLU A 41 3.34 5.36 28.89
N LEU A 42 2.23 4.65 28.80
CA LEU A 42 1.12 4.84 29.71
C LEU A 42 1.27 4.03 31.01
N GLY A 43 2.36 3.26 31.11
CA GLY A 43 2.65 2.51 32.33
C GLY A 43 2.45 1.01 32.11
N ALA A 44 1.86 0.63 31.00
CA ALA A 44 1.60 -0.79 30.83
C ALA A 44 2.87 -1.61 30.71
N ARG A 45 2.79 -2.81 31.24
CA ARG A 45 3.84 -3.79 31.14
C ARG A 45 3.46 -4.66 29.96
N ALA A 46 4.17 -4.44 28.84
CA ALA A 46 3.85 -5.04 27.56
C ALA A 46 4.98 -5.93 27.04
N ALA A 47 4.62 -6.91 26.21
CA ALA A 47 5.57 -7.78 25.54
C ALA A 47 5.08 -7.90 24.09
N VAL A 48 5.99 -8.03 23.13
CA VAL A 48 5.62 -8.15 21.71
C VAL A 48 6.10 -9.53 21.25
N VAL A 49 5.23 -10.34 20.67
CA VAL A 49 5.68 -11.62 20.11
C VAL A 49 5.97 -11.42 18.61
N GLU A 50 7.12 -11.84 18.12
CA GLU A 50 7.44 -11.67 16.70
C GLU A 50 8.17 -12.87 16.19
N SER A 51 7.66 -13.43 15.13
CA SER A 51 8.26 -14.66 14.66
C SER A 51 9.35 -14.40 13.62
N HIS A 52 9.40 -13.21 13.03
CA HIS A 52 10.42 -12.93 12.02
C HIS A 52 11.22 -11.69 12.38
N LYS A 53 11.17 -10.70 11.48
CA LYS A 53 11.96 -9.52 11.72
C LYS A 53 11.10 -8.37 12.23
N LEU A 54 11.61 -7.63 13.20
CA LEU A 54 10.83 -6.51 13.62
C LEU A 54 10.68 -5.52 12.46
N GLY A 55 9.65 -4.70 12.56
CA GLY A 55 9.44 -3.71 11.53
C GLY A 55 8.38 -4.24 10.57
N GLY A 56 8.26 -5.57 10.51
CA GLY A 56 7.27 -6.31 9.73
C GLY A 56 7.28 -5.91 8.26
N THR A 57 6.09 -5.77 7.70
CA THR A 57 5.98 -5.42 6.28
C THR A 57 6.60 -4.11 5.86
N CYS A 58 6.26 -3.03 6.54
CA CYS A 58 6.75 -1.68 6.15
C CYS A 58 8.28 -1.61 5.95
N VAL A 59 9.02 -2.16 6.94
CA VAL A 59 10.49 -2.13 6.91
C VAL A 59 11.12 -3.12 5.92
N ASN A 60 10.69 -4.35 6.02
CA ASN A 60 11.25 -5.50 5.32
C ASN A 60 10.90 -5.71 3.84
N VAL A 61 9.61 -5.70 3.53
CA VAL A 61 9.17 -5.99 2.15
C VAL A 61 8.03 -5.04 1.69
N GLY A 62 8.01 -3.79 2.11
CA GLY A 62 6.89 -2.95 1.76
C GLY A 62 7.36 -1.52 1.61
N CYS A 63 6.72 -0.63 2.34
CA CYS A 63 6.94 0.81 2.27
C CYS A 63 8.37 1.21 2.02
N VAL A 64 9.28 0.89 2.93
CA VAL A 64 10.69 1.36 2.85
C VAL A 64 11.46 0.92 1.56
N PRO A 65 11.69 -0.39 1.35
CA PRO A 65 12.38 -0.86 0.19
C PRO A 65 11.68 -0.42 -1.11
N LYS A 66 10.35 -0.33 -1.11
CA LYS A 66 9.63 0.15 -2.28
C LYS A 66 10.02 1.60 -2.62
N LYS A 67 10.03 2.47 -1.62
CA LYS A 67 10.31 3.90 -1.81
C LYS A 67 11.72 4.10 -2.29
N VAL A 68 12.66 3.31 -1.78
CA VAL A 68 14.04 3.39 -2.25
C VAL A 68 14.12 3.05 -3.74
N MET A 69 13.42 1.96 -4.17
CA MET A 69 13.36 1.56 -5.58
C MET A 69 12.66 2.64 -6.40
N TRP A 70 11.63 3.26 -5.82
CA TRP A 70 10.97 4.35 -6.52
C TRP A 70 11.89 5.53 -6.77
N ASN A 71 12.69 5.89 -5.77
CA ASN A 71 13.59 7.04 -5.88
C ASN A 71 14.59 6.76 -6.97
N THR A 72 14.91 5.49 -7.10
CA THR A 72 15.84 5.01 -8.11
C THR A 72 15.21 5.09 -9.51
N ALA A 73 13.95 4.70 -9.65
CA ALA A 73 13.26 4.79 -10.94
C ALA A 73 13.15 6.24 -11.34
N VAL A 74 12.85 7.09 -10.35
CA VAL A 74 12.74 8.54 -10.55
C VAL A 74 14.05 9.14 -11.09
N HIS A 75 15.19 8.59 -10.67
CA HIS A 75 16.49 9.01 -11.18
C HIS A 75 16.63 8.72 -12.69
N SER A 76 16.20 7.51 -13.05
CA SER A 76 16.17 7.02 -14.41
C SER A 76 15.38 8.01 -15.27
N GLU A 77 14.20 8.47 -14.83
CA GLU A 77 13.40 9.39 -15.64
C GLU A 77 14.00 10.76 -15.75
N PHE A 78 14.55 11.25 -14.67
CA PHE A 78 15.13 12.56 -14.75
C PHE A 78 16.34 12.56 -15.68
N MET A 79 17.15 11.50 -15.61
CA MET A 79 18.28 11.31 -16.51
C MET A 79 17.85 11.35 -18.01
N HIS A 80 16.56 11.06 -18.35
CA HIS A 80 16.09 11.16 -19.73
C HIS A 80 16.03 12.61 -20.15
N ASP A 81 15.83 13.50 -19.18
CA ASP A 81 15.70 14.93 -19.45
C ASP A 81 17.02 15.68 -19.37
N HIS A 82 18.12 15.01 -19.06
CA HIS A 82 19.41 15.67 -18.86
C HIS A 82 19.84 16.53 -20.04
N ALA A 83 19.81 15.97 -21.22
CA ALA A 83 20.25 16.70 -22.38
C ALA A 83 19.37 17.93 -22.65
N ASP A 84 18.05 17.78 -22.43
CA ASP A 84 17.13 18.90 -22.59
C ASP A 84 17.50 20.09 -21.70
N TYR A 85 18.08 19.76 -20.55
CA TYR A 85 18.40 20.75 -19.55
C TYR A 85 19.82 21.31 -19.77
N GLY A 86 20.45 21.03 -20.89
CA GLY A 86 21.74 21.70 -21.08
C GLY A 86 22.92 20.89 -20.65
N PHE A 87 22.66 19.65 -20.34
CA PHE A 87 23.76 18.82 -19.95
C PHE A 87 24.05 17.81 -21.06
N PRO A 88 25.18 17.13 -20.92
CA PRO A 88 25.51 16.13 -21.90
C PRO A 88 24.79 14.83 -21.54
N SER A 89 24.40 14.15 -22.60
CA SER A 89 23.70 12.90 -22.46
C SER A 89 24.44 11.94 -21.52
N CYS A 90 23.59 11.33 -20.70
CA CYS A 90 23.95 10.30 -19.76
C CYS A 90 23.67 9.00 -20.51
N GLU A 91 24.73 8.18 -20.57
CA GLU A 91 24.78 6.95 -21.34
C GLU A 91 24.24 5.61 -20.81
N GLY A 92 24.08 5.27 -19.53
CA GLY A 92 23.71 3.88 -19.65
C GLY A 92 22.98 3.08 -18.62
N LYS A 93 23.56 1.88 -18.58
CA LYS A 93 23.16 0.72 -17.83
C LYS A 93 23.10 0.89 -16.32
N PHE A 94 21.87 0.72 -15.85
CA PHE A 94 21.57 0.74 -14.47
C PHE A 94 22.15 -0.50 -13.88
N ASN A 95 22.73 -0.36 -12.69
CA ASN A 95 23.27 -1.55 -12.08
C ASN A 95 22.46 -1.94 -10.87
N TRP A 96 21.64 -2.95 -11.04
CA TRP A 96 20.73 -3.36 -10.02
C TRP A 96 21.41 -3.73 -8.72
N ARG A 97 22.47 -4.52 -8.76
CA ARG A 97 23.08 -4.95 -7.49
C ARG A 97 23.63 -3.89 -6.54
N VAL A 98 24.05 -2.81 -7.14
CA VAL A 98 24.55 -1.71 -6.36
C VAL A 98 23.48 -1.17 -5.43
N ILE A 99 22.32 -0.86 -6.02
CA ILE A 99 21.23 -0.26 -5.27
C ILE A 99 20.63 -1.35 -4.43
N LYS A 100 20.69 -2.58 -4.90
CA LYS A 100 20.06 -3.56 -4.08
C LYS A 100 20.79 -3.71 -2.75
N GLU A 101 22.10 -3.68 -2.83
CA GLU A 101 22.93 -3.85 -1.66
C GLU A 101 22.79 -2.70 -0.68
N LYS A 102 22.67 -1.50 -1.23
CA LYS A 102 22.48 -0.34 -0.38
C LYS A 102 21.11 -0.32 0.30
N ARG A 103 20.12 -0.82 -0.42
CA ARG A 103 18.76 -0.89 0.06
C ARG A 103 18.72 -1.90 1.21
N ASP A 104 19.32 -3.08 1.03
CA ASP A 104 19.31 -4.09 2.08
C ASP A 104 19.96 -3.57 3.38
N ALA A 105 21.04 -2.82 3.19
CA ALA A 105 21.77 -2.26 4.31
C ALA A 105 20.87 -1.34 5.11
N TYR A 106 20.16 -0.51 4.38
CA TYR A 106 19.29 0.48 4.99
C TYR A 106 18.20 -0.21 5.77
N VAL A 107 17.69 -1.29 5.22
CA VAL A 107 16.71 -2.07 5.91
C VAL A 107 17.32 -2.66 7.21
N SER A 108 18.59 -3.06 7.18
CA SER A 108 19.27 -3.60 8.36
C SER A 108 19.43 -2.53 9.44
N ARG A 109 19.72 -1.28 9.03
CA ARG A 109 19.80 -0.15 9.92
C ARG A 109 18.47 0.06 10.60
N LEU A 110 17.36 -0.08 9.87
CA LEU A 110 16.07 0.10 10.49
C LEU A 110 15.74 -0.99 11.48
N ASN A 111 16.02 -2.24 11.13
CA ASN A 111 15.70 -3.29 12.04
C ASN A 111 16.43 -3.04 13.36
N ALA A 112 17.67 -2.56 13.33
CA ALA A 112 18.40 -2.37 14.57
C ALA A 112 17.82 -1.23 15.38
N ILE A 113 17.30 -0.22 14.71
CA ILE A 113 16.68 0.92 15.37
C ILE A 113 15.39 0.59 16.08
N TYR A 114 14.61 -0.27 15.43
CA TYR A 114 13.33 -0.74 16.00
C TYR A 114 13.54 -1.54 17.26
N GLN A 115 14.56 -2.38 17.20
CA GLN A 115 14.90 -3.23 18.31
C GLN A 115 15.31 -2.34 19.48
N ASN A 116 16.13 -1.35 19.16
CA ASN A 116 16.52 -0.42 20.18
C ASN A 116 15.31 0.36 20.72
N ASN A 117 14.32 0.68 19.88
CA ASN A 117 13.19 1.45 20.38
C ASN A 117 12.40 0.64 21.40
N LEU A 118 12.37 -0.69 21.18
CA LEU A 118 11.59 -1.55 22.04
C LEU A 118 12.28 -1.58 23.40
N THR A 119 13.60 -1.78 23.36
CA THR A 119 14.38 -1.86 24.58
C THR A 119 14.29 -0.58 25.44
N LYS A 120 14.43 0.57 24.80
CA LYS A 120 14.37 1.82 25.55
C LYS A 120 13.01 2.04 26.23
N SER A 121 11.98 1.36 25.68
CA SER A 121 10.60 1.48 26.16
C SER A 121 10.31 0.42 27.21
N HIS A 122 11.27 -0.47 27.40
CA HIS A 122 11.13 -1.55 28.35
C HIS A 122 10.08 -2.55 27.90
N ILE A 123 9.94 -2.69 26.59
CA ILE A 123 8.98 -3.67 26.08
C ILE A 123 9.76 -4.95 25.89
N GLU A 124 9.17 -6.04 26.36
CA GLU A 124 9.80 -7.33 26.19
C GLU A 124 9.52 -7.87 24.81
N ILE A 125 10.52 -8.46 24.14
CA ILE A 125 10.33 -9.04 22.82
C ILE A 125 10.35 -10.53 22.96
N ILE A 126 9.30 -11.19 22.57
CA ILE A 126 9.23 -12.63 22.69
C ILE A 126 9.41 -13.14 21.29
N ARG A 127 10.50 -13.84 21.03
CA ARG A 127 10.77 -14.26 19.67
C ARG A 127 10.11 -15.61 19.37
N GLY A 128 9.36 -15.72 18.28
CA GLY A 128 8.75 -17.00 17.95
C GLY A 128 7.36 -16.84 17.33
N HIS A 129 6.69 -17.95 17.09
CA HIS A 129 5.39 -17.93 16.45
C HIS A 129 4.31 -18.17 17.49
N ALA A 130 3.38 -17.22 17.66
CA ALA A 130 2.32 -17.34 18.69
C ALA A 130 1.09 -18.06 18.14
N ALA A 131 0.34 -18.67 19.04
CA ALA A 131 -0.93 -19.32 18.73
C ALA A 131 -1.72 -19.34 20.04
N PHE A 132 -3.03 -19.19 19.91
CA PHE A 132 -3.92 -19.19 21.06
C PHE A 132 -4.01 -20.58 21.65
N THR A 133 -4.30 -20.63 22.94
CA THR A 133 -4.51 -21.92 23.54
C THR A 133 -6.00 -22.15 23.78
N SER A 134 -6.19 -23.41 24.15
CA SER A 134 -7.45 -24.01 24.52
C SER A 134 -7.91 -23.38 25.82
N ASP A 135 -6.96 -22.85 26.61
CA ASP A 135 -7.22 -22.26 27.92
C ASP A 135 -8.38 -21.30 27.86
N PRO A 136 -9.11 -21.37 28.94
CA PRO A 136 -10.27 -20.58 29.24
C PRO A 136 -9.93 -19.10 29.07
N LYS A 137 -9.19 -18.53 30.04
CA LYS A 137 -8.78 -17.14 29.90
C LYS A 137 -7.79 -17.11 28.72
N PRO A 138 -8.03 -16.17 27.79
CA PRO A 138 -7.24 -16.08 26.58
C PRO A 138 -5.75 -16.15 26.91
N THR A 139 -5.12 -17.19 26.38
CA THR A 139 -3.73 -17.44 26.64
C THR A 139 -3.09 -17.88 25.33
N ILE A 140 -1.85 -17.43 25.08
CA ILE A 140 -1.08 -17.83 23.93
C ILE A 140 0.12 -18.67 24.37
N GLU A 141 0.64 -19.43 23.40
CA GLU A 141 1.80 -20.26 23.57
C GLU A 141 2.85 -19.93 22.52
N VAL A 142 4.10 -19.71 22.94
CA VAL A 142 5.16 -19.43 22.00
C VAL A 142 6.35 -20.27 22.42
N SER A 143 6.64 -21.28 21.61
CA SER A 143 7.80 -22.13 21.89
C SER A 143 7.62 -22.91 23.21
N GLY A 144 6.42 -23.43 23.46
CA GLY A 144 6.13 -24.19 24.65
C GLY A 144 5.81 -23.35 25.88
N LYS A 145 6.14 -22.07 25.91
CA LYS A 145 5.81 -21.28 27.08
C LYS A 145 4.49 -20.60 26.89
N LYS A 146 3.81 -20.39 28.01
CA LYS A 146 2.54 -19.72 28.01
C LYS A 146 2.68 -18.25 28.47
N TYR A 147 1.79 -17.44 27.89
CA TYR A 147 1.71 -16.01 28.19
C TYR A 147 0.28 -15.57 28.25
N THR A 148 -0.03 -14.63 29.11
CA THR A 148 -1.40 -14.16 29.20
C THR A 148 -1.46 -12.68 29.54
N ALA A 149 -2.60 -12.05 29.25
CA ALA A 149 -2.79 -10.64 29.60
C ALA A 149 -4.27 -10.38 29.50
N PRO A 150 -4.72 -9.40 30.25
CA PRO A 150 -6.11 -9.03 30.20
C PRO A 150 -6.44 -8.36 28.86
N HIS A 151 -5.42 -7.90 28.12
CA HIS A 151 -5.64 -7.29 26.80
C HIS A 151 -4.60 -7.86 25.87
N ILE A 152 -5.06 -8.54 24.82
CA ILE A 152 -4.18 -9.14 23.82
C ILE A 152 -4.51 -8.55 22.44
N LEU A 153 -3.49 -8.06 21.75
CA LEU A 153 -3.68 -7.48 20.43
C LEU A 153 -3.14 -8.40 19.35
N ILE A 154 -3.98 -8.73 18.37
CA ILE A 154 -3.52 -9.53 17.26
C ILE A 154 -3.14 -8.58 16.16
N ALA A 155 -1.89 -8.57 15.71
CA ALA A 155 -1.53 -7.62 14.67
C ALA A 155 -0.58 -8.30 13.75
N THR A 156 -1.01 -9.46 13.28
CA THR A 156 -0.17 -10.32 12.50
C THR A 156 -0.07 -9.98 11.02
N GLY A 157 -0.70 -8.91 10.55
CA GLY A 157 -0.56 -8.47 9.16
C GLY A 157 -1.09 -9.48 8.15
N GLY A 158 -0.57 -9.41 6.93
CA GLY A 158 -1.00 -10.35 5.91
C GLY A 158 0.17 -10.75 5.01
N MET A 159 -0.16 -11.36 3.86
CA MET A 159 0.82 -11.83 2.87
C MET A 159 0.24 -11.70 1.48
N PRO A 160 1.12 -11.78 0.52
CA PRO A 160 0.74 -11.74 -0.88
C PRO A 160 -0.03 -13.02 -1.17
N SER A 161 -1.04 -12.81 -1.99
CA SER A 161 -1.87 -13.88 -2.46
C SER A 161 -1.26 -14.45 -3.76
N THR A 162 -1.33 -15.78 -3.91
CA THR A 162 -0.89 -16.45 -5.14
C THR A 162 -1.97 -17.44 -5.63
N PRO A 163 -2.05 -17.64 -6.95
CA PRO A 163 -2.99 -18.58 -7.51
C PRO A 163 -2.58 -20.00 -7.19
N HIS A 164 -3.65 -20.80 -7.10
CA HIS A 164 -3.55 -22.22 -6.91
C HIS A 164 -3.21 -22.86 -8.24
N GLU A 165 -2.30 -23.83 -8.16
CA GLU A 165 -1.91 -24.63 -9.28
C GLU A 165 -3.14 -25.31 -9.88
N SER A 166 -4.12 -25.61 -9.03
CA SER A 166 -5.35 -26.21 -9.52
C SER A 166 -6.08 -25.31 -10.50
N GLN A 167 -6.06 -23.98 -10.28
CA GLN A 167 -6.74 -23.04 -11.17
C GLN A 167 -5.84 -22.52 -12.29
N ILE A 168 -4.56 -22.28 -11.98
CA ILE A 168 -3.61 -21.80 -12.96
C ILE A 168 -2.35 -22.59 -12.82
N PRO A 169 -2.26 -23.60 -13.65
CA PRO A 169 -1.14 -24.52 -13.59
C PRO A 169 0.19 -23.80 -13.87
N GLY A 170 1.16 -24.01 -13.02
CA GLY A 170 2.43 -23.36 -13.14
C GLY A 170 2.44 -22.00 -12.45
N ALA A 171 1.43 -21.70 -11.66
CA ALA A 171 1.35 -20.39 -11.03
C ALA A 171 2.55 -20.18 -10.12
N SER A 172 3.03 -21.29 -9.52
CA SER A 172 4.14 -21.25 -8.58
C SER A 172 5.50 -20.89 -9.18
N LEU A 173 5.57 -20.72 -10.51
CA LEU A 173 6.77 -20.28 -11.21
C LEU A 173 6.85 -18.75 -11.14
N GLY A 174 5.77 -18.10 -10.71
CA GLY A 174 5.75 -16.65 -10.61
C GLY A 174 6.15 -16.25 -9.19
N ILE A 175 6.56 -14.98 -9.02
CA ILE A 175 6.93 -14.48 -7.71
C ILE A 175 5.88 -13.46 -7.25
N THR A 176 6.02 -13.01 -6.00
CA THR A 176 5.15 -11.97 -5.45
C THR A 176 5.98 -10.75 -5.11
N SER A 177 5.33 -9.73 -4.54
CA SER A 177 6.08 -8.54 -4.15
C SER A 177 7.22 -8.94 -3.20
N ASP A 178 7.06 -10.02 -2.40
CA ASP A 178 8.12 -10.46 -1.52
C ASP A 178 9.35 -10.87 -2.32
N GLY A 179 9.07 -11.63 -3.36
CA GLY A 179 10.12 -12.11 -4.23
C GLY A 179 10.79 -10.97 -4.99
N PHE A 180 10.06 -9.92 -5.26
CA PHE A 180 10.63 -8.78 -5.96
C PHE A 180 11.83 -8.19 -5.17
N PHE A 181 11.74 -8.19 -3.84
CA PHE A 181 12.73 -7.61 -2.95
C PHE A 181 13.92 -8.52 -2.75
N GLN A 182 13.82 -9.72 -3.31
CA GLN A 182 14.90 -10.68 -3.32
C GLN A 182 15.65 -10.71 -4.64
N LEU A 183 15.09 -10.12 -5.68
CA LEU A 183 15.75 -10.18 -6.98
C LEU A 183 17.15 -9.57 -6.85
N GLU A 184 18.11 -10.17 -7.54
CA GLU A 184 19.50 -9.71 -7.50
C GLU A 184 19.91 -9.08 -8.79
N GLU A 185 19.14 -9.30 -9.86
CA GLU A 185 19.42 -8.71 -11.16
C GLU A 185 18.12 -8.15 -11.72
N LEU A 186 18.23 -7.21 -12.62
CA LEU A 186 17.06 -6.62 -13.27
C LEU A 186 16.58 -7.61 -14.31
N PRO A 187 15.35 -8.11 -14.17
CA PRO A 187 14.80 -9.09 -15.12
C PRO A 187 14.67 -8.44 -16.48
N GLY A 188 15.00 -9.21 -17.53
CA GLY A 188 14.99 -8.68 -18.87
C GLY A 188 13.58 -8.39 -19.36
N ARG A 189 12.68 -9.34 -19.07
CA ARG A 189 11.32 -9.30 -19.54
C ARG A 189 10.46 -9.61 -18.35
N SER A 190 9.52 -8.72 -18.06
CA SER A 190 8.74 -8.95 -16.86
C SER A 190 7.27 -8.77 -17.18
N VAL A 191 6.44 -9.60 -16.54
CA VAL A 191 5.02 -9.52 -16.73
C VAL A 191 4.42 -9.44 -15.34
N ILE A 192 3.67 -8.36 -15.10
CA ILE A 192 3.05 -8.16 -13.80
C ILE A 192 1.56 -8.43 -13.95
N VAL A 193 0.99 -9.24 -13.04
CA VAL A 193 -0.44 -9.52 -13.11
C VAL A 193 -1.16 -8.84 -11.94
N GLY A 194 -2.07 -7.91 -12.24
CA GLY A 194 -2.89 -7.26 -11.24
C GLY A 194 -3.10 -5.80 -11.62
N ALA A 195 -4.14 -5.19 -11.09
CA ALA A 195 -4.43 -3.82 -11.46
C ALA A 195 -4.49 -2.85 -10.26
N GLY A 196 -4.04 -3.31 -9.07
CA GLY A 196 -4.10 -2.49 -7.85
C GLY A 196 -2.80 -1.68 -7.72
N TYR A 197 -2.68 -0.93 -6.62
CA TYR A 197 -1.51 -0.07 -6.44
C TYR A 197 -0.16 -0.75 -6.50
N ILE A 198 -0.07 -1.93 -5.88
CA ILE A 198 1.21 -2.63 -5.81
C ILE A 198 1.60 -3.03 -7.22
N ALA A 199 0.63 -3.51 -8.03
CA ALA A 199 0.88 -3.88 -9.41
C ALA A 199 1.38 -2.67 -10.16
N VAL A 200 0.65 -1.58 -10.03
CA VAL A 200 0.99 -0.36 -10.70
C VAL A 200 2.42 0.07 -10.28
N GLU A 201 2.75 0.04 -8.99
CA GLU A 201 4.04 0.51 -8.52
C GLU A 201 5.16 -0.36 -9.05
N MET A 202 4.95 -1.69 -9.01
CA MET A 202 6.03 -2.53 -9.46
C MET A 202 6.24 -2.38 -10.92
N ALA A 203 5.18 -2.32 -11.72
CA ALA A 203 5.36 -2.18 -13.15
C ALA A 203 6.15 -0.93 -13.45
N GLY A 204 5.87 0.16 -12.73
CA GLY A 204 6.50 1.45 -12.95
C GLY A 204 8.00 1.50 -12.67
N ILE A 205 8.41 0.82 -11.58
CA ILE A 205 9.81 0.69 -11.18
C ILE A 205 10.57 -0.15 -12.21
N LEU A 206 10.07 -1.37 -12.51
CA LEU A 206 10.72 -2.29 -13.44
C LEU A 206 10.89 -1.66 -14.83
N SER A 207 9.84 -1.01 -15.32
CA SER A 207 9.89 -0.35 -16.60
C SER A 207 10.90 0.82 -16.66
N ALA A 208 10.90 1.69 -15.64
CA ALA A 208 11.80 2.85 -15.56
C ALA A 208 13.27 2.42 -15.51
N LEU A 209 13.49 1.27 -14.91
CA LEU A 209 14.81 0.72 -14.72
C LEU A 209 15.27 -0.08 -15.93
N GLY A 210 14.43 -0.25 -16.94
CA GLY A 210 14.85 -0.91 -18.19
C GLY A 210 14.28 -2.30 -18.49
N SER A 211 13.44 -2.87 -17.63
CA SER A 211 12.86 -4.18 -17.92
C SER A 211 11.79 -3.99 -18.99
N LYS A 212 11.67 -4.95 -19.91
CA LYS A 212 10.61 -4.82 -20.92
C LYS A 212 9.37 -5.35 -20.19
N THR A 213 8.49 -4.43 -19.78
CA THR A 213 7.39 -4.73 -18.90
C THR A 213 6.01 -4.70 -19.51
N SER A 214 5.21 -5.70 -19.11
CA SER A 214 3.79 -5.81 -19.45
C SER A 214 3.07 -5.88 -18.12
N LEU A 215 1.90 -5.26 -18.09
CA LEU A 215 1.00 -5.27 -16.97
C LEU A 215 -0.31 -5.88 -17.44
N MET A 216 -0.69 -6.99 -16.85
CA MET A 216 -1.88 -7.72 -17.28
C MET A 216 -3.07 -7.50 -16.34
N ILE A 217 -4.13 -6.84 -16.84
CA ILE A 217 -5.27 -6.46 -16.03
C ILE A 217 -6.54 -7.08 -16.59
N ARG A 218 -7.49 -7.37 -15.72
CA ARG A 218 -8.73 -8.06 -16.13
C ARG A 218 -9.73 -7.19 -16.82
N HIS A 219 -9.62 -5.88 -16.69
CA HIS A 219 -10.49 -4.97 -17.34
C HIS A 219 -9.68 -4.06 -18.25
N ASP A 220 -10.15 -2.81 -18.35
CA ASP A 220 -9.55 -1.87 -19.27
C ASP A 220 -8.64 -0.82 -18.63
N LYS A 221 -8.74 -0.63 -17.30
CA LYS A 221 -8.02 0.37 -16.54
C LYS A 221 -7.50 -0.24 -15.26
N VAL A 222 -6.47 0.41 -14.71
CA VAL A 222 -5.88 0.08 -13.41
C VAL A 222 -6.54 0.97 -12.35
N LEU A 223 -6.39 0.58 -11.09
CA LEU A 223 -6.88 1.37 -9.99
C LEU A 223 -8.35 1.68 -10.15
N ARG A 224 -9.10 0.67 -10.49
CA ARG A 224 -10.51 0.88 -10.76
C ARG A 224 -11.35 1.38 -9.58
N SER A 225 -10.82 1.28 -8.36
CA SER A 225 -11.48 1.76 -7.14
C SER A 225 -11.22 3.22 -6.81
N PHE A 226 -10.30 3.86 -7.55
CA PHE A 226 -9.98 5.26 -7.42
C PHE A 226 -10.97 6.08 -8.22
N ASP A 227 -10.89 7.38 -8.12
CA ASP A 227 -11.78 8.20 -8.87
C ASP A 227 -11.50 7.91 -10.33
N SER A 228 -12.53 7.89 -11.14
CA SER A 228 -12.34 7.59 -12.55
C SER A 228 -11.36 8.50 -13.28
N MET A 229 -11.14 9.72 -12.82
CA MET A 229 -10.16 10.53 -13.52
C MET A 229 -8.74 9.97 -13.33
N ILE A 230 -8.52 9.44 -12.13
CA ILE A 230 -7.27 8.80 -11.79
C ILE A 230 -7.07 7.46 -12.50
N SER A 231 -8.08 6.54 -12.49
CA SER A 231 -7.83 5.30 -13.18
C SER A 231 -7.56 5.53 -14.65
N THR A 232 -8.26 6.47 -15.25
CA THR A 232 -8.04 6.76 -16.67
C THR A 232 -6.64 7.35 -16.92
N ASN A 233 -6.33 8.42 -16.19
CA ASN A 233 -5.05 9.08 -16.36
C ASN A 233 -3.89 8.15 -16.05
N CYS A 234 -4.06 7.31 -15.01
CA CYS A 234 -2.98 6.44 -14.59
C CYS A 234 -2.71 5.40 -15.67
N THR A 235 -3.78 4.85 -16.30
CA THR A 235 -3.60 3.87 -17.36
C THR A 235 -2.87 4.48 -18.54
N GLU A 236 -3.24 5.69 -18.88
CA GLU A 236 -2.57 6.38 -19.95
C GLU A 236 -1.10 6.67 -19.68
N GLU A 237 -0.77 7.14 -18.47
CA GLU A 237 0.60 7.47 -18.10
C GLU A 237 1.51 6.26 -18.16
N LEU A 238 0.98 5.12 -17.76
CA LEU A 238 1.72 3.87 -17.86
C LEU A 238 2.05 3.61 -19.33
N GLU A 239 1.06 3.73 -20.23
CA GLU A 239 1.36 3.43 -21.62
C GLU A 239 2.37 4.38 -22.19
N ASN A 240 2.21 5.64 -21.82
CA ASN A 240 3.13 6.68 -22.25
C ASN A 240 4.54 6.44 -21.77
N ALA A 241 4.70 5.74 -20.64
CA ALA A 241 6.01 5.48 -20.02
C ALA A 241 6.66 4.22 -20.55
N GLY A 242 5.97 3.48 -21.44
CA GLY A 242 6.52 2.30 -22.06
C GLY A 242 6.04 0.97 -21.48
N VAL A 243 5.06 1.03 -20.58
CA VAL A 243 4.50 -0.19 -20.02
C VAL A 243 3.41 -0.72 -20.97
N GLU A 244 3.48 -1.97 -21.37
CA GLU A 244 2.40 -2.54 -22.16
C GLU A 244 1.27 -3.01 -21.26
N VAL A 245 0.11 -2.41 -21.34
CA VAL A 245 -1.03 -2.82 -20.54
C VAL A 245 -1.86 -3.77 -21.37
N LEU A 246 -1.93 -5.03 -20.96
CA LEU A 246 -2.70 -6.07 -21.61
C LEU A 246 -4.09 -6.05 -20.99
N LYS A 247 -5.08 -5.44 -21.64
CA LYS A 247 -6.43 -5.33 -21.09
C LYS A 247 -7.24 -6.61 -21.28
N PHE A 248 -8.27 -6.76 -20.44
CA PHE A 248 -9.16 -7.91 -20.45
C PHE A 248 -8.40 -9.21 -20.57
N SER A 249 -7.25 -9.27 -19.92
CA SER A 249 -6.44 -10.46 -20.05
C SER A 249 -6.25 -11.16 -18.72
N GLN A 250 -6.02 -12.45 -18.80
CA GLN A 250 -5.75 -13.24 -17.61
C GLN A 250 -4.93 -14.44 -17.95
N VAL A 251 -4.20 -14.92 -16.96
CA VAL A 251 -3.30 -16.02 -17.18
C VAL A 251 -4.04 -17.35 -17.14
N LYS A 252 -3.76 -18.20 -18.12
CA LYS A 252 -4.40 -19.48 -18.22
C LYS A 252 -3.45 -20.54 -17.77
N GLU A 253 -2.16 -20.31 -18.00
CA GLU A 253 -1.17 -21.23 -17.52
C GLU A 253 0.23 -20.71 -17.77
N VAL A 254 1.17 -21.23 -16.98
CA VAL A 254 2.54 -20.81 -17.03
C VAL A 254 3.41 -22.03 -17.15
N LYS A 255 4.42 -21.96 -17.99
CA LYS A 255 5.35 -23.07 -18.09
C LYS A 255 6.79 -22.62 -18.28
N LYS A 256 7.69 -23.45 -17.76
CA LYS A 256 9.12 -23.26 -17.74
C LYS A 256 9.68 -23.73 -19.07
N THR A 257 10.11 -22.81 -19.92
CA THR A 257 10.65 -23.15 -21.21
C THR A 257 12.14 -23.21 -21.07
N LEU A 258 12.82 -23.41 -22.20
CA LEU A 258 14.27 -23.60 -22.25
C LEU A 258 15.00 -22.37 -21.72
N SER A 259 14.33 -21.22 -21.87
CA SER A 259 14.91 -19.97 -21.48
C SER A 259 13.84 -18.97 -21.06
N GLY A 260 13.43 -19.20 -19.83
CA GLY A 260 12.46 -18.36 -19.18
C GLY A 260 11.14 -19.08 -19.02
N LEU A 261 10.11 -18.27 -18.88
CA LEU A 261 8.79 -18.79 -18.71
C LEU A 261 8.04 -18.42 -19.98
N GLU A 262 6.97 -19.17 -20.19
CA GLU A 262 6.06 -18.89 -21.27
C GLU A 262 4.69 -18.79 -20.65
N VAL A 263 4.04 -17.65 -20.86
CA VAL A 263 2.77 -17.35 -20.23
C VAL A 263 1.69 -17.45 -21.28
N SER A 264 0.70 -18.30 -20.98
CA SER A 264 -0.46 -18.49 -21.82
C SER A 264 -1.53 -17.58 -21.25
N MET A 265 -2.01 -16.67 -22.07
CA MET A 265 -3.08 -15.83 -21.57
C MET A 265 -4.26 -15.83 -22.51
N VAL A 266 -5.44 -15.53 -21.95
CA VAL A 266 -6.69 -15.38 -22.67
C VAL A 266 -7.05 -13.91 -22.60
N THR A 267 -7.33 -13.34 -23.77
CA THR A 267 -7.75 -11.95 -23.87
C THR A 267 -9.21 -11.99 -24.33
N ALA A 268 -10.12 -11.44 -23.55
CA ALA A 268 -11.53 -11.47 -23.87
C ALA A 268 -12.14 -10.09 -23.83
N VAL A 269 -11.86 -9.29 -24.88
CA VAL A 269 -12.43 -7.95 -25.00
C VAL A 269 -13.91 -8.12 -25.25
N PRO A 270 -14.74 -7.34 -24.56
CA PRO A 270 -16.15 -7.55 -24.74
C PRO A 270 -16.54 -7.05 -26.13
N GLY A 271 -17.38 -7.87 -26.80
CA GLY A 271 -17.81 -7.59 -28.15
C GLY A 271 -16.83 -8.21 -29.14
N ARG A 272 -16.11 -9.16 -28.61
CA ARG A 272 -15.11 -9.78 -29.40
C ARG A 272 -14.98 -11.22 -29.04
N LEU A 273 -14.31 -11.95 -29.94
CA LEU A 273 -14.06 -13.34 -29.60
C LEU A 273 -12.79 -13.41 -28.78
N PRO A 274 -12.80 -14.31 -27.78
CA PRO A 274 -11.63 -14.58 -26.98
C PRO A 274 -10.47 -15.06 -27.84
N VAL A 275 -9.28 -14.66 -27.44
CA VAL A 275 -8.11 -15.02 -28.19
C VAL A 275 -7.05 -15.46 -27.20
N MET A 276 -6.34 -16.51 -27.53
CA MET A 276 -5.31 -17.02 -26.65
C MET A 276 -3.96 -16.64 -27.23
N THR A 277 -3.04 -16.15 -26.38
CA THR A 277 -1.73 -15.66 -26.74
C THR A 277 -0.67 -16.30 -25.85
N MET A 278 0.49 -16.61 -26.42
CA MET A 278 1.57 -17.14 -25.64
C MET A 278 2.55 -16.02 -25.43
N ILE A 279 3.02 -15.79 -24.18
CA ILE A 279 4.06 -14.77 -23.94
C ILE A 279 5.32 -15.54 -23.59
N PRO A 280 6.29 -15.45 -24.47
CA PRO A 280 7.50 -16.24 -24.34
C PRO A 280 8.64 -15.43 -23.77
N ASP A 281 9.66 -16.18 -23.36
CA ASP A 281 10.90 -15.60 -22.88
C ASP A 281 10.66 -14.62 -21.76
N VAL A 282 9.81 -15.01 -20.81
CA VAL A 282 9.54 -14.13 -19.68
C VAL A 282 10.53 -14.45 -18.56
N ASP A 283 11.18 -13.43 -18.02
CA ASP A 283 12.15 -13.65 -16.98
C ASP A 283 11.50 -13.64 -15.59
N CYS A 284 10.57 -12.71 -15.41
CA CYS A 284 9.94 -12.50 -14.15
C CYS A 284 8.41 -12.43 -14.34
N LEU A 285 7.67 -13.32 -13.67
CA LEU A 285 6.22 -13.29 -13.65
C LEU A 285 5.87 -12.92 -12.22
N LEU A 286 5.25 -11.75 -12.06
CA LEU A 286 4.96 -11.22 -10.75
C LEU A 286 3.46 -11.13 -10.51
N TRP A 287 2.97 -11.88 -9.52
CA TRP A 287 1.55 -11.88 -9.14
C TRP A 287 1.32 -10.75 -8.16
N ALA A 288 0.46 -9.82 -8.51
CA ALA A 288 0.14 -8.68 -7.61
C ALA A 288 -1.36 -8.59 -7.60
N ILE A 289 -1.96 -9.72 -7.24
CA ILE A 289 -3.40 -9.93 -7.28
C ILE A 289 -4.14 -9.70 -5.97
N GLY A 290 -3.47 -9.64 -4.84
CA GLY A 290 -4.11 -9.37 -3.57
C GLY A 290 -3.26 -9.79 -2.36
N ARG A 291 -3.85 -9.59 -1.18
CA ARG A 291 -3.16 -9.93 0.06
C ARG A 291 -4.07 -10.80 0.88
N VAL A 292 -3.50 -11.76 1.60
CA VAL A 292 -4.35 -12.59 2.42
C VAL A 292 -3.96 -12.37 3.89
N PRO A 293 -4.89 -12.48 4.81
CA PRO A 293 -4.54 -12.19 6.20
C PRO A 293 -3.81 -13.36 6.80
N ASN A 294 -2.97 -13.03 7.74
CA ASN A 294 -2.16 -14.04 8.40
C ASN A 294 -2.90 -14.46 9.69
N THR A 295 -3.84 -15.40 9.58
CA THR A 295 -4.63 -15.79 10.77
C THR A 295 -4.75 -17.30 10.87
N LYS A 296 -4.39 -17.91 9.78
CA LYS A 296 -4.46 -19.32 9.55
C LYS A 296 -3.83 -20.15 10.66
N ASP A 297 -2.69 -19.72 11.18
CA ASP A 297 -2.00 -20.54 12.17
C ASP A 297 -2.09 -20.03 13.60
N LEU A 298 -3.07 -19.19 13.86
CA LEU A 298 -3.26 -18.54 15.16
C LEU A 298 -4.13 -19.39 16.14
N SER A 299 -4.81 -20.41 15.61
CA SER A 299 -5.71 -21.23 16.42
C SER A 299 -6.84 -20.40 17.00
N LEU A 300 -7.36 -19.52 16.17
CA LEU A 300 -8.41 -18.58 16.53
C LEU A 300 -9.63 -19.31 17.02
N ASN A 301 -9.95 -20.40 16.30
CA ASN A 301 -11.14 -21.18 16.56
C ASN A 301 -11.17 -21.71 18.00
N LYS A 302 -9.99 -21.85 18.65
CA LYS A 302 -9.94 -22.33 20.02
C LYS A 302 -10.64 -21.35 20.93
N LEU A 303 -10.75 -20.10 20.49
CA LEU A 303 -11.42 -19.07 21.28
C LEU A 303 -12.73 -18.65 20.59
N GLY A 304 -12.93 -19.20 19.39
CA GLY A 304 -14.10 -18.87 18.61
C GLY A 304 -14.06 -17.39 18.21
N ILE A 305 -12.88 -16.89 17.84
CA ILE A 305 -12.75 -15.52 17.39
C ILE A 305 -13.28 -15.47 15.95
N GLN A 306 -14.18 -14.52 15.64
CA GLN A 306 -14.82 -14.43 14.32
C GLN A 306 -13.88 -13.92 13.26
N THR A 307 -13.97 -14.56 12.10
CA THR A 307 -13.23 -14.12 10.92
C THR A 307 -14.21 -14.13 9.75
N ASP A 308 -13.88 -13.46 8.67
CA ASP A 308 -14.74 -13.50 7.50
C ASP A 308 -14.29 -14.69 6.70
N ASP A 309 -14.81 -14.83 5.51
CA ASP A 309 -14.41 -16.00 4.78
C ASP A 309 -13.04 -15.87 4.11
N LYS A 310 -12.34 -14.73 4.21
CA LYS A 310 -10.99 -14.65 3.66
C LYS A 310 -9.99 -14.86 4.80
N GLY A 311 -10.48 -14.99 6.03
CA GLY A 311 -9.56 -15.20 7.11
C GLY A 311 -9.32 -13.90 7.86
N HIS A 312 -10.03 -12.79 7.49
CA HIS A 312 -9.86 -11.55 8.22
C HIS A 312 -10.50 -11.59 9.58
N ILE A 313 -9.87 -10.95 10.55
CA ILE A 313 -10.46 -10.87 11.87
C ILE A 313 -11.51 -9.76 11.86
N ILE A 314 -12.70 -10.07 12.40
CA ILE A 314 -13.76 -9.09 12.42
C ILE A 314 -13.61 -8.25 13.71
N VAL A 315 -13.71 -6.93 13.59
CA VAL A 315 -13.60 -6.08 14.77
C VAL A 315 -14.69 -5.04 14.66
N ASP A 316 -14.93 -4.36 15.77
CA ASP A 316 -15.87 -3.24 15.79
C ASP A 316 -15.07 -1.95 15.57
N GLU A 317 -15.72 -0.79 15.77
CA GLU A 317 -15.13 0.53 15.55
C GLU A 317 -13.99 0.82 16.51
N PHE A 318 -13.90 0.03 17.57
CA PHE A 318 -12.90 0.24 18.60
C PHE A 318 -11.87 -0.86 18.54
N GLN A 319 -11.88 -1.64 17.45
CA GLN A 319 -10.90 -2.70 17.24
C GLN A 319 -11.14 -3.92 18.11
N ASN A 320 -12.31 -3.95 18.75
CA ASN A 320 -12.62 -5.14 19.51
C ASN A 320 -13.00 -6.30 18.59
N THR A 321 -12.60 -7.50 19.00
CA THR A 321 -13.01 -8.71 18.33
C THR A 321 -14.32 -9.10 19.02
N ASN A 322 -14.82 -10.28 18.78
CA ASN A 322 -16.07 -10.65 19.42
C ASN A 322 -15.81 -11.23 20.80
N VAL A 323 -14.53 -11.45 21.12
CA VAL A 323 -14.13 -11.98 22.41
C VAL A 323 -13.57 -10.85 23.25
N LYS A 324 -14.00 -10.75 24.50
CA LYS A 324 -13.51 -9.72 25.45
C LYS A 324 -12.00 -9.84 25.75
N GLY A 325 -11.31 -8.66 25.67
CA GLY A 325 -9.89 -8.51 25.90
C GLY A 325 -9.02 -8.98 24.73
N ILE A 326 -9.62 -9.16 23.54
CA ILE A 326 -8.87 -9.54 22.33
C ILE A 326 -9.25 -8.53 21.27
N TYR A 327 -8.23 -7.86 20.70
CA TYR A 327 -8.38 -6.79 19.73
C TYR A 327 -7.53 -7.17 18.53
N ALA A 328 -7.73 -6.42 17.45
CA ALA A 328 -6.97 -6.67 16.24
C ALA A 328 -6.88 -5.35 15.52
N VAL A 329 -5.70 -5.06 14.93
CA VAL A 329 -5.48 -3.84 14.15
C VAL A 329 -4.63 -4.16 12.93
N GLY A 330 -4.62 -3.25 11.94
CA GLY A 330 -3.77 -3.41 10.78
C GLY A 330 -4.32 -4.34 9.72
N ASP A 331 -3.40 -4.79 8.88
CA ASP A 331 -3.74 -5.55 7.68
C ASP A 331 -4.57 -6.77 7.99
N VAL A 332 -4.42 -7.33 9.19
CA VAL A 332 -5.12 -8.57 9.51
C VAL A 332 -6.62 -8.44 9.45
N CYS A 333 -7.08 -7.18 9.60
CA CYS A 333 -8.49 -6.80 9.68
C CYS A 333 -9.04 -6.55 8.30
N GLY A 334 -8.13 -6.40 7.35
CA GLY A 334 -8.42 -6.27 5.95
C GLY A 334 -9.05 -4.94 5.54
N LYS A 335 -8.96 -3.92 6.37
CA LYS A 335 -9.49 -2.62 5.97
C LYS A 335 -8.44 -1.50 6.02
N ALA A 336 -8.40 -0.70 4.98
CA ALA A 336 -7.41 0.35 4.80
C ALA A 336 -6.02 -0.19 5.11
N LEU A 337 -5.45 -1.00 4.19
CA LEU A 337 -4.18 -1.66 4.35
C LEU A 337 -3.01 -0.70 4.07
N LEU A 338 -2.71 0.15 5.08
CA LEU A 338 -1.68 1.18 5.01
C LEU A 338 -0.96 1.21 6.37
N THR A 339 0.31 1.57 6.35
CA THR A 339 1.16 1.55 7.53
C THR A 339 0.71 2.61 8.50
N PRO A 340 0.39 3.81 8.05
CA PRO A 340 -0.06 4.79 8.99
C PRO A 340 -1.38 4.46 9.68
N VAL A 341 -2.27 3.71 9.04
CA VAL A 341 -3.54 3.31 9.61
C VAL A 341 -3.32 2.32 10.73
N ALA A 342 -2.46 1.34 10.53
CA ALA A 342 -2.18 0.35 11.53
C ALA A 342 -1.60 1.09 12.74
N ILE A 343 -0.66 2.00 12.49
CA ILE A 343 -0.08 2.79 13.58
C ILE A 343 -1.13 3.59 14.39
N ALA A 344 -1.95 4.39 13.69
CA ALA A 344 -2.96 5.24 14.30
C ALA A 344 -3.99 4.41 15.06
N ALA A 345 -4.42 3.29 14.50
CA ALA A 345 -5.38 2.46 15.18
C ALA A 345 -4.74 1.82 16.43
N GLY A 346 -3.47 1.42 16.33
CA GLY A 346 -2.75 0.82 17.43
C GLY A 346 -2.61 1.84 18.56
N ARG A 347 -2.34 3.09 18.19
CA ARG A 347 -2.14 4.13 19.18
C ARG A 347 -3.43 4.51 19.86
N LYS A 348 -4.49 4.67 19.10
CA LYS A 348 -5.76 5.06 19.66
C LYS A 348 -6.23 3.97 20.64
N LEU A 349 -5.89 2.73 20.34
CA LEU A 349 -6.32 1.61 21.13
C LEU A 349 -5.55 1.63 22.46
N ALA A 350 -4.29 1.99 22.40
CA ALA A 350 -3.53 2.06 23.67
C ALA A 350 -4.13 3.14 24.61
N HIS A 351 -4.53 4.27 24.06
CA HIS A 351 -5.13 5.34 24.86
C HIS A 351 -6.46 4.90 25.45
N ARG A 352 -7.27 4.16 24.69
CA ARG A 352 -8.54 3.68 25.18
C ARG A 352 -8.31 2.66 26.33
N LEU A 353 -7.38 1.72 26.16
CA LEU A 353 -7.15 0.69 27.14
C LEU A 353 -6.39 1.15 28.40
N PHE A 354 -5.33 1.97 28.24
CA PHE A 354 -4.45 2.38 29.32
C PHE A 354 -4.57 3.82 29.78
N GLU A 355 -5.36 4.59 29.08
CA GLU A 355 -5.60 5.93 29.55
C GLU A 355 -7.09 6.13 29.80
N TYR A 356 -7.83 5.06 29.64
CA TYR A 356 -9.26 5.04 29.92
C TYR A 356 -10.07 6.00 29.08
N LYS A 357 -9.58 6.33 27.85
CA LYS A 357 -10.32 7.18 26.90
C LYS A 357 -11.26 6.29 26.10
N GLU A 358 -12.48 6.20 26.61
CA GLU A 358 -13.40 5.26 26.00
C GLU A 358 -13.87 5.62 24.58
N ASP A 359 -13.74 6.89 24.23
CA ASP A 359 -14.15 7.34 22.92
C ASP A 359 -12.95 7.28 21.98
N SER A 360 -11.84 6.72 22.48
CA SER A 360 -10.60 6.65 21.70
C SER A 360 -10.69 5.57 20.62
N LYS A 361 -10.72 6.05 19.36
CA LYS A 361 -10.78 5.18 18.19
C LYS A 361 -10.37 5.93 16.93
N LEU A 362 -9.98 5.18 15.89
CA LEU A 362 -9.54 5.76 14.62
C LEU A 362 -10.74 6.01 13.71
N ASP A 363 -10.80 7.21 13.13
CA ASP A 363 -11.83 7.54 12.13
C ASP A 363 -11.29 7.05 10.80
N TYR A 364 -11.98 6.07 10.21
CA TYR A 364 -11.55 5.54 8.94
C TYR A 364 -11.95 6.37 7.73
N ASN A 365 -12.60 7.52 7.92
CA ASN A 365 -12.91 8.36 6.77
C ASN A 365 -11.80 9.35 6.57
N ASN A 366 -11.72 9.80 5.33
CA ASN A 366 -10.73 10.81 4.96
C ASN A 366 -9.27 10.43 5.21
N ILE A 367 -8.93 9.13 5.01
CA ILE A 367 -7.55 8.66 5.14
C ILE A 367 -6.88 8.97 3.80
N PRO A 368 -5.76 9.69 3.77
CA PRO A 368 -5.14 9.98 2.50
C PRO A 368 -4.23 8.82 2.08
N THR A 369 -4.06 8.68 0.75
CA THR A 369 -3.21 7.66 0.12
C THR A 369 -2.39 8.28 -0.98
N VAL A 370 -1.18 7.81 -1.11
CA VAL A 370 -0.30 8.23 -2.23
C VAL A 370 0.10 6.94 -2.92
N VAL A 371 -0.02 6.93 -4.23
CA VAL A 371 0.41 5.77 -5.01
C VAL A 371 1.67 6.25 -5.74
N PHE A 372 2.74 5.50 -5.55
CA PHE A 372 4.04 5.87 -6.07
C PHE A 372 4.19 5.39 -7.50
N SER A 373 3.38 5.99 -8.34
CA SER A 373 3.48 5.70 -9.77
C SER A 373 4.36 6.78 -10.35
N HIS A 374 4.33 6.93 -11.68
CA HIS A 374 5.08 7.95 -12.35
C HIS A 374 4.16 8.66 -13.32
N PRO A 375 3.69 9.87 -13.00
CA PRO A 375 3.99 10.61 -11.79
C PRO A 375 3.15 10.05 -10.65
N PRO A 376 3.46 10.37 -9.37
CA PRO A 376 2.74 9.82 -8.22
C PRO A 376 1.29 10.30 -8.17
N ILE A 377 0.48 9.57 -7.43
CA ILE A 377 -0.94 9.83 -7.26
C ILE A 377 -1.22 10.14 -5.79
N GLY A 378 -2.09 11.11 -5.53
CA GLY A 378 -2.47 11.43 -4.17
C GLY A 378 -3.96 11.47 -4.16
N THR A 379 -4.59 10.86 -3.16
CA THR A 379 -6.02 10.89 -3.06
C THR A 379 -6.51 10.95 -1.61
N VAL A 380 -7.61 11.68 -1.38
CA VAL A 380 -8.20 11.70 -0.05
C VAL A 380 -9.70 11.89 -0.14
N GLY A 381 -10.51 11.15 0.61
CA GLY A 381 -11.93 11.42 0.58
C GLY A 381 -12.69 10.68 -0.51
N LEU A 382 -13.88 11.15 -0.84
CA LEU A 382 -14.78 10.51 -1.79
C LEU A 382 -14.44 10.72 -3.26
N THR A 383 -14.61 9.65 -4.06
CA THR A 383 -14.46 9.80 -5.49
C THR A 383 -15.74 10.52 -5.95
N GLU A 384 -15.80 10.94 -7.20
CA GLU A 384 -17.01 11.60 -7.65
C GLU A 384 -18.25 10.73 -7.58
N ASP A 385 -18.10 9.45 -7.90
CA ASP A 385 -19.23 8.55 -7.85
C ASP A 385 -19.72 8.31 -6.43
N GLU A 386 -18.79 8.26 -5.49
CA GLU A 386 -19.12 8.05 -4.09
C GLU A 386 -19.89 9.23 -3.50
N ALA A 387 -19.53 10.45 -3.92
CA ALA A 387 -20.19 11.63 -3.42
C ALA A 387 -21.56 11.70 -4.06
N ILE A 388 -21.63 11.27 -5.32
CA ILE A 388 -22.89 11.27 -6.05
C ILE A 388 -23.89 10.34 -5.37
N HIS A 389 -23.43 9.17 -4.88
CA HIS A 389 -24.26 8.21 -4.15
C HIS A 389 -24.58 8.65 -2.72
N LYS A 390 -23.75 9.49 -2.15
CA LYS A 390 -23.92 9.90 -0.78
C LYS A 390 -24.78 11.16 -0.68
N TYR A 391 -24.63 12.09 -1.62
CA TYR A 391 -25.33 13.36 -1.53
C TYR A 391 -26.39 13.55 -2.60
N GLY A 392 -26.26 12.86 -3.75
CA GLY A 392 -27.20 13.02 -4.87
C GLY A 392 -26.58 13.90 -5.94
N ILE A 393 -26.77 13.56 -7.20
CA ILE A 393 -26.16 14.30 -8.30
C ILE A 393 -26.39 15.79 -8.22
N GLU A 394 -27.56 16.15 -7.77
CA GLU A 394 -27.90 17.55 -7.76
C GLU A 394 -27.04 18.30 -6.75
N ASN A 395 -26.51 17.57 -5.75
CA ASN A 395 -25.73 18.17 -4.66
C ASN A 395 -24.21 18.02 -4.76
N VAL A 396 -23.71 17.57 -5.90
CA VAL A 396 -22.28 17.37 -6.09
C VAL A 396 -21.75 18.21 -7.23
N LYS A 397 -20.70 18.93 -6.93
CA LYS A 397 -20.06 19.79 -7.90
C LYS A 397 -18.55 19.49 -7.88
N THR A 398 -17.92 19.31 -9.02
CA THR A 398 -16.51 19.02 -9.04
C THR A 398 -15.80 20.10 -9.83
N TYR A 399 -14.55 20.27 -9.51
CA TYR A 399 -13.71 21.19 -10.24
C TYR A 399 -12.45 20.38 -10.58
N SER A 400 -11.92 20.61 -11.77
CA SER A 400 -10.74 19.84 -12.13
C SER A 400 -9.91 20.66 -13.08
N THR A 401 -8.64 20.29 -13.19
CA THR A 401 -7.70 20.96 -14.07
C THR A 401 -6.76 19.92 -14.63
N SER A 402 -6.17 20.23 -15.76
CA SER A 402 -5.24 19.32 -16.37
C SER A 402 -4.22 20.19 -17.04
N PHE A 403 -2.94 20.03 -16.73
CA PHE A 403 -1.91 20.91 -17.30
C PHE A 403 -0.60 20.17 -17.36
N THR A 404 0.34 20.74 -18.09
CA THR A 404 1.68 20.20 -18.18
C THR A 404 2.58 20.99 -17.24
N PRO A 405 3.15 20.35 -16.22
CA PRO A 405 3.94 21.07 -15.25
C PRO A 405 5.06 21.84 -15.96
N MET A 406 5.34 23.06 -15.49
CA MET A 406 6.39 23.97 -15.92
C MET A 406 7.76 23.27 -16.07
N TYR A 407 8.04 22.21 -15.29
CA TYR A 407 9.24 21.39 -15.40
C TYR A 407 9.40 20.87 -16.84
N HIS A 408 8.30 20.62 -17.52
CA HIS A 408 8.42 20.07 -18.85
C HIS A 408 8.34 21.14 -19.90
N ALA A 409 8.40 22.41 -19.52
CA ALA A 409 8.36 23.45 -20.53
C ALA A 409 9.54 23.30 -21.47
N VAL A 410 10.62 22.69 -21.01
CA VAL A 410 11.83 22.59 -21.81
C VAL A 410 12.22 21.15 -22.16
N THR A 411 11.35 20.18 -21.94
CA THR A 411 11.69 18.78 -22.19
C THR A 411 10.87 18.23 -23.38
N LYS A 412 11.42 17.21 -24.06
CA LYS A 412 10.71 16.56 -25.15
C LYS A 412 9.75 15.54 -24.54
N ARG A 413 10.18 14.99 -23.42
CA ARG A 413 9.39 14.04 -22.67
C ARG A 413 8.35 14.84 -21.90
N LYS A 414 7.11 14.31 -21.81
CA LYS A 414 6.08 15.07 -21.10
C LYS A 414 5.29 14.14 -20.20
N THR A 415 4.75 14.76 -19.14
CA THR A 415 3.83 14.12 -18.20
C THR A 415 2.85 15.23 -17.92
N LYS A 416 1.70 14.81 -17.42
CA LYS A 416 0.62 15.69 -17.16
C LYS A 416 0.37 15.74 -15.66
N CYS A 417 -0.37 16.76 -15.25
CA CYS A 417 -0.82 16.86 -13.89
C CYS A 417 -2.33 17.00 -13.97
N VAL A 418 -3.09 16.15 -13.27
CA VAL A 418 -4.52 16.28 -13.26
C VAL A 418 -4.95 16.45 -11.81
N MET A 419 -5.91 17.35 -11.58
CA MET A 419 -6.42 17.52 -10.24
C MET A 419 -7.91 17.64 -10.26
N LYS A 420 -8.56 17.03 -9.28
CA LYS A 420 -10.00 17.10 -9.23
C LYS A 420 -10.42 17.36 -7.81
N MET A 421 -11.33 18.30 -7.64
CA MET A 421 -11.87 18.56 -6.33
C MET A 421 -13.35 18.22 -6.34
N VAL A 422 -13.83 17.43 -5.38
CA VAL A 422 -15.23 17.04 -5.29
C VAL A 422 -15.89 17.83 -4.14
N CYS A 423 -16.85 18.72 -4.41
CA CYS A 423 -17.57 19.49 -3.39
C CYS A 423 -19.02 19.02 -3.21
N ALA A 424 -19.56 19.20 -2.02
CA ALA A 424 -20.90 18.73 -1.72
C ALA A 424 -21.70 19.85 -1.08
N ASN A 425 -23.00 19.87 -1.42
CA ASN A 425 -23.94 20.84 -0.88
C ASN A 425 -23.61 22.25 -1.37
N LYS A 426 -24.40 23.23 -0.92
CA LYS A 426 -24.36 24.64 -1.35
C LYS A 426 -23.10 25.38 -0.94
N GLU A 427 -22.66 24.99 0.28
CA GLU A 427 -21.48 25.45 0.97
C GLU A 427 -20.22 24.98 0.23
N GLU A 428 -20.34 23.95 -0.60
CA GLU A 428 -19.25 23.35 -1.35
C GLU A 428 -18.19 22.82 -0.43
N LYS A 429 -18.61 21.92 0.43
CA LYS A 429 -17.70 21.30 1.34
C LYS A 429 -16.75 20.46 0.54
N VAL A 430 -15.46 20.47 0.84
CA VAL A 430 -14.55 19.65 0.06
C VAL A 430 -14.58 18.24 0.57
N VAL A 431 -15.21 17.30 -0.17
CA VAL A 431 -15.32 15.92 0.30
C VAL A 431 -14.34 14.97 -0.39
N GLY A 432 -13.62 15.45 -1.41
CA GLY A 432 -12.64 14.58 -2.07
C GLY A 432 -11.64 15.39 -2.91
N ILE A 433 -10.37 14.97 -2.88
CA ILE A 433 -9.31 15.53 -3.69
C ILE A 433 -8.55 14.39 -4.33
N HIS A 434 -8.33 14.50 -5.65
CA HIS A 434 -7.70 13.45 -6.45
C HIS A 434 -6.72 14.10 -7.41
N MET A 435 -5.49 13.61 -7.48
CA MET A 435 -4.52 14.25 -8.34
C MET A 435 -3.44 13.30 -8.74
N GLN A 436 -2.82 13.58 -9.85
CA GLN A 436 -1.71 12.79 -10.33
C GLN A 436 -0.75 13.80 -10.92
N GLY A 437 0.52 13.70 -10.64
CA GLY A 437 1.43 14.71 -11.18
C GLY A 437 2.70 14.80 -10.37
N LEU A 438 3.72 15.46 -10.97
CA LEU A 438 4.99 15.66 -10.30
C LEU A 438 4.78 16.42 -9.00
N GLY A 439 5.33 15.93 -7.89
CA GLY A 439 5.20 16.66 -6.63
C GLY A 439 3.96 16.28 -5.84
N CYS A 440 3.05 15.47 -6.43
CA CYS A 440 1.83 15.12 -5.76
C CYS A 440 2.04 14.28 -4.53
N ASP A 441 3.15 13.57 -4.39
CA ASP A 441 3.44 12.74 -3.21
C ASP A 441 3.65 13.58 -1.91
N GLU A 442 4.26 14.77 -2.06
CA GLU A 442 4.56 15.64 -0.95
C GLU A 442 3.50 16.72 -0.80
N MET A 443 2.56 16.80 -1.74
CA MET A 443 1.58 17.88 -1.75
C MET A 443 0.31 17.56 -0.96
N LEU A 444 0.02 16.29 -0.85
CA LEU A 444 -1.23 15.83 -0.28
C LEU A 444 -1.43 16.07 1.22
N GLN A 445 -0.41 15.83 2.02
CA GLN A 445 -0.58 15.92 3.47
C GLN A 445 -1.37 17.14 4.01
N GLY A 446 -0.95 18.34 3.70
CA GLY A 446 -1.64 19.49 4.23
C GLY A 446 -3.07 19.61 3.70
N PHE A 447 -3.34 19.24 2.46
CA PHE A 447 -4.73 19.33 2.02
C PHE A 447 -5.57 18.30 2.77
N ALA A 448 -4.94 17.21 3.15
CA ALA A 448 -5.62 16.15 3.88
C ALA A 448 -6.04 16.69 5.23
N VAL A 449 -5.21 17.57 5.80
CA VAL A 449 -5.51 18.24 7.07
C VAL A 449 -6.71 19.16 6.88
N ALA A 450 -6.72 19.92 5.80
CA ALA A 450 -7.81 20.84 5.47
C ALA A 450 -9.13 20.06 5.26
N VAL A 451 -9.06 18.97 4.53
CA VAL A 451 -10.25 18.18 4.27
C VAL A 451 -10.78 17.56 5.56
N LYS A 452 -9.89 17.05 6.42
CA LYS A 452 -10.29 16.51 7.72
C LYS A 452 -11.01 17.56 8.60
N MET A 453 -10.59 18.83 8.50
CA MET A 453 -11.17 19.87 9.31
C MET A 453 -12.49 20.38 8.73
N GLY A 454 -12.86 19.88 7.56
CA GLY A 454 -14.13 20.22 6.90
C GLY A 454 -14.07 21.51 6.15
N ALA A 455 -13.01 21.73 5.41
CA ALA A 455 -12.88 22.93 4.67
C ALA A 455 -13.88 22.92 3.54
N THR A 456 -14.22 24.11 3.10
CA THR A 456 -15.08 24.31 1.97
C THR A 456 -14.22 24.88 0.89
N LYS A 457 -14.81 25.07 -0.28
CA LYS A 457 -14.06 25.58 -1.41
C LYS A 457 -13.62 27.03 -1.15
N ALA A 458 -14.40 27.76 -0.34
CA ALA A 458 -14.05 29.14 -0.02
C ALA A 458 -12.78 29.22 0.85
N ASP A 459 -12.60 28.19 1.66
CA ASP A 459 -11.43 28.15 2.50
C ASP A 459 -10.18 28.00 1.64
N PHE A 460 -10.30 27.13 0.63
CA PHE A 460 -9.19 26.97 -0.31
C PHE A 460 -9.01 28.25 -1.09
N ASP A 461 -10.10 28.77 -1.61
CA ASP A 461 -10.02 29.95 -2.45
C ASP A 461 -9.48 31.19 -1.73
N ASN A 462 -9.68 31.21 -0.42
CA ASN A 462 -9.18 32.31 0.39
C ASN A 462 -7.76 32.14 0.89
N THR A 463 -7.06 31.11 0.45
CA THR A 463 -5.67 30.93 0.80
C THR A 463 -4.82 31.47 -0.36
N VAL A 464 -3.89 32.36 -0.08
CA VAL A 464 -3.02 32.93 -1.11
C VAL A 464 -2.16 31.80 -1.69
N ALA A 465 -2.03 31.79 -3.02
CA ALA A 465 -1.24 30.81 -3.75
C ALA A 465 0.25 31.04 -3.55
N ILE A 466 1.01 29.96 -3.73
CA ILE A 466 2.47 29.89 -3.71
C ILE A 466 2.89 29.69 -5.17
N HIS A 467 3.60 30.66 -5.74
CA HIS A 467 4.00 30.68 -7.13
C HIS A 467 5.52 30.71 -7.29
N PRO A 468 6.08 29.96 -8.24
CA PRO A 468 5.36 29.08 -9.16
C PRO A 468 5.47 27.64 -8.66
N THR A 469 4.32 26.98 -8.52
CA THR A 469 4.29 25.59 -8.04
C THR A 469 3.15 24.89 -8.73
N SER A 470 3.02 23.57 -8.55
CA SER A 470 1.89 22.86 -9.07
C SER A 470 0.79 22.97 -8.05
N SER A 471 1.15 22.97 -6.75
CA SER A 471 0.21 22.97 -5.62
C SER A 471 -0.78 24.13 -5.66
N GLU A 472 -0.33 25.25 -6.21
CA GLU A 472 -1.16 26.44 -6.28
C GLU A 472 -2.39 26.22 -7.15
N GLU A 473 -2.38 25.23 -8.04
CA GLU A 473 -3.54 24.97 -8.88
C GLU A 473 -4.77 24.61 -8.06
N LEU A 474 -4.54 23.99 -6.91
CA LEU A 474 -5.65 23.56 -6.10
C LEU A 474 -6.34 24.70 -5.39
N VAL A 475 -5.67 25.85 -5.27
CA VAL A 475 -6.28 26.94 -4.55
C VAL A 475 -6.77 27.98 -5.57
N THR A 476 -6.68 27.67 -6.86
CA THR A 476 -7.15 28.62 -7.85
C THR A 476 -8.08 27.95 -8.89
N LEU A 477 -8.82 26.94 -8.45
CA LEU A 477 -9.70 26.20 -9.34
C LEU A 477 -10.93 27.06 -9.57
N ARG A 478 -11.43 27.08 -10.79
CA ARG A 478 -12.65 27.81 -11.10
C ARG A 478 -13.55 26.97 -12.04
#